data_6SKC
#
_entry.id   6SKC
#
_cell.length_a   58.080
_cell.length_b   46.080
_cell.length_c   80.960
_cell.angle_alpha   90.000
_cell.angle_beta   98.710
_cell.angle_gamma   90.000
#
_symmetry.space_group_name_H-M   'P 1 21 1'
#
loop_
_entity.id
_entity.type
_entity.pdbx_description
1 polymer Kallikrein-6
2 non-polymer 4-[(3~{S})-1-oxidanyl-3,4-dihydro-2,1-benzoxaborinin-3-yl]benzenecarboximidamide
3 non-polymer BENZAMIDINE
4 non-polymer GLYCEROL
5 water water
#
_entity_poly.entity_id   1
_entity_poly.type   'polypeptide(L)'
_entity_poly.pdbx_seq_one_letter_code
;LVHGGPCDKTSHPYQAALYTSGHLLCGGVLIHPLWVLTAAHCKKPNLQVFLGKHNLGQQESSQEQSSVVRAVIHPDYDAA
SHDQDIMLLRLARPAKLSELIQPLPLERDCSAQTTSCHILGWGKTADGDFPDTIQCAYIHLVSREECEHAYPGQITQNML
CAGDEKYGKDSCQGDSGGPLVCGDHLRGLVSWGNYPCGSKEKPGVYTNVCRYTNWIQKTIQAK
;
_entity_poly.pdbx_strand_id   A,B
#
loop_
_chem_comp.id
_chem_comp.type
_chem_comp.name
_chem_comp.formula
BEN non-polymer BENZAMIDINE 'C7 H8 N2'
GOL non-polymer GLYCEROL 'C3 H8 O3'
LH8 non-polymer 4-[(3~{S})-1-oxidanyl-3,4-dihydro-2,1-benzoxaborinin-3-yl]benzenecarboximidamide 'C15 H15 B N2 O2'
#
# COMPACT_ATOMS: atom_id res chain seq x y z
N LEU A 1 10.29 -10.20 -1.29
CA LEU A 1 11.42 -11.10 -1.49
C LEU A 1 10.90 -12.54 -1.56
N VAL A 2 11.17 -13.23 -2.68
CA VAL A 2 10.72 -14.61 -2.94
C VAL A 2 11.78 -15.67 -2.49
N HIS A 3 11.27 -16.75 -1.86
CA HIS A 3 12.03 -17.92 -1.39
C HIS A 3 13.06 -17.62 -0.29
N GLY A 4 12.75 -16.63 0.55
CA GLY A 4 13.57 -16.26 1.70
C GLY A 4 12.88 -16.67 2.97
N GLY A 5 13.14 -15.93 4.05
CA GLY A 5 12.53 -16.15 5.35
C GLY A 5 12.64 -14.94 6.24
N PRO A 6 11.89 -14.89 7.37
CA PRO A 6 11.96 -13.70 8.24
C PRO A 6 13.37 -13.37 8.75
N CYS A 7 13.71 -12.08 8.75
CA CYS A 7 15.02 -11.62 9.20
C CYS A 7 15.10 -11.71 10.71
N ASP A 8 16.33 -11.65 11.22
CA ASP A 8 16.54 -11.55 12.66
C ASP A 8 16.25 -10.05 12.94
N LYS A 9 15.38 -9.80 13.93
CA LYS A 9 14.94 -8.45 14.36
C LYS A 9 16.08 -7.43 14.60
N THR A 10 17.30 -7.92 14.84
CA THR A 10 18.44 -7.06 15.16
C THR A 10 19.50 -6.95 14.03
N SER A 11 19.32 -7.68 12.91
CA SER A 11 20.32 -7.71 11.84
C SER A 11 20.10 -6.68 10.67
N HIS A 12 19.14 -5.75 10.81
CA HIS A 12 18.82 -4.79 9.75
C HIS A 12 18.55 -3.35 10.26
N PRO A 13 19.44 -2.75 11.08
CA PRO A 13 19.13 -1.40 11.59
C PRO A 13 19.16 -0.27 10.54
N TYR A 14 19.73 -0.53 9.34
CA TYR A 14 19.85 0.45 8.24
C TYR A 14 18.64 0.44 7.29
N GLN A 15 17.72 -0.52 7.50
CA GLN A 15 16.56 -0.71 6.64
C GLN A 15 15.51 0.37 6.80
N ALA A 16 15.03 0.92 5.67
CA ALA A 16 13.99 1.94 5.62
C ALA A 16 12.78 1.38 4.87
N ALA A 17 11.58 1.81 5.28
CA ALA A 17 10.30 1.45 4.66
C ALA A 17 9.74 2.75 4.10
N LEU A 18 9.43 2.76 2.79
CA LEU A 18 8.92 3.95 2.13
C LEU A 18 7.45 3.78 1.81
N TYR A 19 6.65 4.67 2.36
CA TYR A 19 5.20 4.67 2.17
C TYR A 19 4.71 5.85 1.29
N THR A 20 3.63 5.58 0.54
CA THR A 20 2.89 6.52 -0.28
C THR A 20 1.42 6.03 -0.30
N SER A 21 0.44 6.93 -0.17
CA SER A 21 -1.01 6.63 -0.16
C SER A 21 -1.43 5.50 0.84
N GLY A 22 -0.74 5.41 1.98
CA GLY A 22 -1.03 4.42 3.03
C GLY A 22 -0.48 3.01 2.85
N HIS A 23 0.31 2.77 1.79
CA HIS A 23 0.89 1.46 1.49
C HIS A 23 2.39 1.54 1.18
N LEU A 24 3.08 0.44 1.50
CA LEU A 24 4.51 0.28 1.26
C LEU A 24 4.78 0.30 -0.24
N LEU A 25 5.71 1.13 -0.65
CA LEU A 25 6.09 1.22 -2.04
C LEU A 25 7.48 0.62 -2.29
N CYS A 26 8.44 0.96 -1.42
CA CYS A 26 9.86 0.65 -1.63
C CYS A 26 10.55 0.42 -0.35
N GLY A 27 11.78 -0.05 -0.46
CA GLY A 27 12.72 -0.15 0.63
C GLY A 27 13.66 1.02 0.47
N GLY A 28 14.55 1.17 1.43
CA GLY A 28 15.53 2.24 1.39
C GLY A 28 16.68 1.93 2.31
N VAL A 29 17.77 2.69 2.22
CA VAL A 29 18.92 2.48 3.08
C VAL A 29 19.32 3.75 3.82
N LEU A 30 19.36 3.70 5.15
CA LEU A 30 19.89 4.83 5.92
C LEU A 30 21.39 4.81 5.77
N ILE A 31 21.95 5.87 5.20
CA ILE A 31 23.39 5.97 4.98
C ILE A 31 23.97 7.15 5.81
N HIS A 32 23.10 7.95 6.43
CA HIS A 32 23.48 9.15 7.18
C HIS A 32 22.26 9.54 8.03
N PRO A 33 22.41 10.07 9.28
CA PRO A 33 21.21 10.46 10.06
C PRO A 33 20.17 11.30 9.30
N LEU A 34 20.60 12.05 8.28
CA LEU A 34 19.74 12.91 7.48
C LEU A 34 19.40 12.32 6.11
N TRP A 35 20.00 11.17 5.72
CA TRP A 35 19.79 10.66 4.37
C TRP A 35 19.46 9.18 4.25
N VAL A 36 18.49 8.89 3.39
CA VAL A 36 18.08 7.54 2.98
C VAL A 36 18.42 7.44 1.47
N LEU A 37 19.12 6.36 1.09
CA LEU A 37 19.44 6.09 -0.29
C LEU A 37 18.40 5.07 -0.82
N THR A 38 17.80 5.37 -1.97
CA THR A 38 16.79 4.46 -2.57
C THR A 38 16.91 4.51 -4.13
N ALA A 39 15.99 3.82 -4.86
CA ALA A 39 15.97 3.80 -6.32
C ALA A 39 15.25 5.06 -6.78
N ALA A 40 15.66 5.63 -7.92
CA ALA A 40 14.99 6.79 -8.49
C ALA A 40 13.57 6.46 -8.96
N HIS A 41 13.27 5.18 -9.32
CA HIS A 41 11.91 4.79 -9.79
C HIS A 41 10.89 4.78 -8.66
N CYS A 42 11.36 4.97 -7.41
CA CYS A 42 10.56 5.07 -6.19
C CYS A 42 10.03 6.49 -5.93
N LYS A 43 10.32 7.46 -6.84
CA LYS A 43 9.78 8.80 -6.68
C LYS A 43 8.25 8.78 -6.88
N LYS A 44 7.53 9.05 -5.78
CA LYS A 44 6.07 9.11 -5.68
C LYS A 44 5.74 10.25 -4.75
N PRO A 45 4.51 10.82 -4.80
CA PRO A 45 4.21 11.97 -3.91
C PRO A 45 4.15 11.67 -2.42
N ASN A 46 4.62 12.67 -1.63
CA ASN A 46 4.59 12.72 -0.18
C ASN A 46 5.09 11.47 0.50
N LEU A 47 6.30 11.02 0.13
CA LEU A 47 6.94 9.82 0.69
C LEU A 47 7.11 9.92 2.20
N GLN A 48 6.73 8.85 2.93
CA GLN A 48 6.93 8.82 4.39
C GLN A 48 7.94 7.69 4.63
N VAL A 49 9.05 8.01 5.28
CA VAL A 49 10.14 7.07 5.58
C VAL A 49 9.92 6.54 7.00
N PHE A 50 10.04 5.21 7.17
CA PHE A 50 9.94 4.59 8.50
C PHE A 50 11.26 3.86 8.77
N LEU A 51 11.91 4.21 9.87
CA LEU A 51 13.16 3.59 10.32
C LEU A 51 12.84 2.77 11.58
N GLY A 52 13.68 1.79 11.90
CA GLY A 52 13.49 0.92 13.07
C GLY A 52 12.32 -0.05 13.01
N LYS A 53 11.85 -0.38 11.79
CA LYS A 53 10.72 -1.29 11.62
C LYS A 53 11.14 -2.70 11.33
N HIS A 54 10.33 -3.66 11.81
CA HIS A 54 10.54 -5.08 11.59
C HIS A 54 9.22 -5.73 11.15
N ASN A 55 8.13 -5.43 11.88
CA ASN A 55 6.78 -5.92 11.57
C ASN A 55 5.95 -4.69 11.23
N LEU A 56 5.48 -4.62 9.96
CA LEU A 56 4.71 -3.50 9.43
C LEU A 56 3.29 -3.41 9.98
N GLY A 57 2.74 -4.55 10.40
CA GLY A 57 1.39 -4.61 10.96
C GLY A 57 1.23 -4.12 12.38
N GLN A 58 2.36 -3.81 13.08
CA GLN A 58 2.33 -3.39 14.48
C GLN A 58 3.24 -2.22 14.81
N GLN A 59 2.75 -1.30 15.68
CA GLN A 59 3.52 -0.17 16.21
C GLN A 59 4.59 -0.74 17.15
N GLU A 60 5.88 -0.42 16.85
CA GLU A 60 7.05 -0.91 17.58
C GLU A 60 7.75 0.23 18.31
N SER A 61 8.26 -0.05 19.53
CA SER A 61 8.96 0.91 20.41
C SER A 61 10.21 1.55 19.79
N SER A 62 10.85 0.83 18.87
CA SER A 62 12.07 1.27 18.19
C SER A 62 11.84 2.09 16.89
N GLN A 63 10.61 2.12 16.34
CA GLN A 63 10.37 2.81 15.08
C GLN A 63 10.47 4.34 15.13
N GLU A 64 10.87 4.93 13.98
CA GLU A 64 10.99 6.38 13.75
C GLU A 64 10.37 6.71 12.41
N GLN A 65 9.74 7.87 12.30
CA GLN A 65 9.07 8.29 11.10
C GLN A 65 9.62 9.63 10.64
N SER A 66 9.57 9.91 9.32
CA SER A 66 9.96 11.20 8.76
C SER A 66 9.43 11.45 7.37
N SER A 67 9.07 12.71 7.12
CA SER A 67 8.68 13.24 5.82
C SER A 67 9.95 13.48 5.03
N VAL A 68 9.79 13.72 3.73
CA VAL A 68 10.93 14.01 2.86
C VAL A 68 10.96 15.51 2.55
N VAL A 69 12.10 16.14 2.84
CA VAL A 69 12.37 17.56 2.61
C VAL A 69 12.78 17.75 1.15
N ARG A 70 13.67 16.87 0.67
CA ARG A 70 14.24 16.90 -0.66
C ARG A 70 14.51 15.49 -1.15
N ALA A 71 14.02 15.16 -2.32
CA ALA A 71 14.25 13.90 -3.02
C ALA A 71 15.22 14.29 -4.17
N VAL A 72 16.47 13.79 -4.14
CA VAL A 72 17.49 14.12 -5.15
C VAL A 72 17.74 12.94 -6.09
N ILE A 73 17.20 13.01 -7.30
CA ILE A 73 17.34 11.99 -8.34
C ILE A 73 18.61 12.29 -9.10
N HIS A 74 19.45 11.25 -9.39
CA HIS A 74 20.70 11.39 -10.16
C HIS A 74 20.41 12.14 -11.49
N PRO A 75 21.22 13.16 -11.88
CA PRO A 75 20.89 13.94 -13.10
C PRO A 75 20.76 13.14 -14.37
N ASP A 76 21.46 11.99 -14.46
CA ASP A 76 21.48 11.14 -15.64
C ASP A 76 20.65 9.88 -15.52
N TYR A 77 19.63 9.89 -14.67
CA TYR A 77 18.69 8.78 -14.55
C TYR A 77 17.83 8.69 -15.80
N ASP A 78 17.76 7.49 -16.38
CA ASP A 78 16.98 7.22 -17.58
C ASP A 78 15.97 6.16 -17.24
N ALA A 79 14.69 6.59 -17.06
CA ALA A 79 13.57 5.75 -16.70
C ALA A 79 13.30 4.57 -17.65
N ALA A 80 13.42 4.78 -18.99
CA ALA A 80 13.20 3.71 -20.00
C ALA A 80 14.23 2.56 -19.92
N SER A 81 15.47 2.85 -19.50
CA SER A 81 16.57 1.88 -19.42
C SER A 81 17.01 1.48 -17.99
N HIS A 82 16.45 2.15 -16.95
CA HIS A 82 16.76 1.98 -15.51
C HIS A 82 18.21 2.34 -15.18
N ASP A 83 18.90 3.07 -16.08
CA ASP A 83 20.29 3.46 -15.87
C ASP A 83 20.36 4.62 -14.90
N GLN A 84 21.32 4.54 -13.96
CA GLN A 84 21.59 5.52 -12.90
C GLN A 84 20.32 5.67 -12.01
N ASP A 85 19.75 4.52 -11.62
CA ASP A 85 18.54 4.36 -10.80
C ASP A 85 18.86 4.50 -9.29
N ILE A 86 19.19 5.72 -8.91
CA ILE A 86 19.56 6.10 -7.56
C ILE A 86 18.90 7.45 -7.17
N MET A 87 18.41 7.53 -5.95
CA MET A 87 17.80 8.74 -5.41
C MET A 87 18.21 8.94 -3.96
N LEU A 88 18.57 10.18 -3.57
CA LEU A 88 18.87 10.49 -2.17
C LEU A 88 17.69 11.21 -1.54
N LEU A 89 17.24 10.76 -0.36
CA LEU A 89 16.10 11.36 0.34
C LEU A 89 16.56 12.06 1.58
N ARG A 90 16.38 13.37 1.65
CA ARG A 90 16.73 14.11 2.86
C ARG A 90 15.60 14.02 3.85
N LEU A 91 15.91 13.52 5.03
CA LEU A 91 14.94 13.37 6.11
C LEU A 91 14.63 14.73 6.76
N ALA A 92 13.31 15.03 6.96
CA ALA A 92 12.80 16.27 7.58
C ALA A 92 13.33 16.40 9.00
N ARG A 93 13.38 15.28 9.68
CA ARG A 93 13.84 15.12 11.04
C ARG A 93 15.03 14.15 10.98
N PRO A 94 16.24 14.54 11.48
CA PRO A 94 17.35 13.58 11.49
C PRO A 94 17.00 12.37 12.35
N ALA A 95 17.44 11.18 11.89
CA ALA A 95 17.21 9.90 12.55
C ALA A 95 17.85 9.85 13.92
N LYS A 96 17.06 9.48 14.95
CA LYS A 96 17.54 9.28 16.31
C LYS A 96 18.08 7.85 16.35
N LEU A 97 19.41 7.73 16.43
CA LEU A 97 20.15 6.47 16.43
C LEU A 97 20.01 5.68 17.73
N SER A 98 19.97 4.35 17.59
CA SER A 98 19.81 3.35 18.66
C SER A 98 20.43 2.05 18.16
N GLU A 99 20.25 0.95 18.89
CA GLU A 99 20.77 -0.36 18.50
C GLU A 99 19.98 -0.92 17.30
N LEU A 100 18.80 -0.34 16.99
CA LEU A 100 17.92 -0.79 15.92
C LEU A 100 17.75 0.25 14.78
N ILE A 101 18.47 1.38 14.86
CA ILE A 101 18.53 2.45 13.84
C ILE A 101 19.97 2.88 13.69
N GLN A 102 20.63 2.48 12.58
CA GLN A 102 22.05 2.77 12.30
C GLN A 102 22.29 2.88 10.79
N PRO A 103 23.16 3.79 10.32
CA PRO A 103 23.42 3.84 8.87
C PRO A 103 24.35 2.71 8.40
N LEU A 104 24.25 2.34 7.12
CA LEU A 104 25.08 1.29 6.54
C LEU A 104 26.24 1.91 5.76
N PRO A 105 27.52 1.48 6.00
CA PRO A 105 28.62 2.04 5.20
C PRO A 105 28.53 1.60 3.75
N LEU A 106 28.91 2.48 2.84
CA LEU A 106 28.88 2.19 1.41
C LEU A 106 30.18 1.55 0.95
N GLU A 107 30.11 0.74 -0.11
CA GLU A 107 31.28 0.15 -0.76
C GLU A 107 31.78 1.19 -1.78
N ARG A 108 32.95 1.81 -1.52
CA ARG A 108 33.56 2.80 -2.40
C ARG A 108 34.37 2.14 -3.52
N ASP A 109 34.88 0.93 -3.24
CA ASP A 109 35.72 0.15 -4.12
C ASP A 109 34.96 -0.72 -5.11
N CYS A 110 35.03 -0.36 -6.40
CA CYS A 110 34.36 -1.12 -7.47
C CYS A 110 35.02 -2.48 -7.74
N SER A 111 36.31 -2.62 -7.32
CA SER A 111 37.17 -3.82 -7.45
C SER A 111 36.77 -4.97 -6.52
N ALA A 112 36.07 -4.67 -5.41
CA ALA A 112 35.63 -5.65 -4.40
C ALA A 112 35.05 -6.92 -5.02
N GLN A 113 35.63 -8.09 -4.67
CA GLN A 113 35.19 -9.35 -5.27
C GLN A 113 34.36 -10.25 -4.33
N THR A 114 33.76 -9.68 -3.26
CA THR A 114 32.87 -10.44 -2.38
C THR A 114 31.61 -10.72 -3.21
N THR A 115 31.38 -12.00 -3.48
CA THR A 115 30.27 -12.50 -4.29
C THR A 115 29.07 -12.85 -3.38
N SER A 116 29.36 -13.23 -2.10
CA SER A 116 28.39 -13.62 -1.08
C SER A 116 27.68 -12.43 -0.44
N CYS A 117 26.44 -12.23 -0.84
CA CYS A 117 25.63 -11.09 -0.43
C CYS A 117 24.33 -11.49 0.22
N HIS A 118 23.52 -10.49 0.61
CA HIS A 118 22.17 -10.72 1.12
C HIS A 118 21.27 -9.56 0.78
N ILE A 119 20.01 -9.88 0.57
CA ILE A 119 18.95 -8.93 0.22
C ILE A 119 17.90 -8.97 1.31
N LEU A 120 17.09 -7.92 1.42
CA LEU A 120 16.05 -7.81 2.45
C LEU A 120 14.94 -6.86 2.06
N GLY A 121 13.74 -7.09 2.58
CA GLY A 121 12.61 -6.21 2.32
C GLY A 121 11.26 -6.79 2.65
N TRP A 122 10.23 -5.97 2.46
CA TRP A 122 8.82 -6.31 2.69
C TRP A 122 8.03 -6.45 1.37
N GLY A 123 8.72 -6.80 0.28
CA GLY A 123 8.08 -6.99 -1.01
C GLY A 123 7.37 -8.33 -1.12
N LYS A 124 6.62 -8.54 -2.22
CA LYS A 124 5.90 -9.80 -2.50
C LYS A 124 6.73 -11.08 -2.26
N THR A 125 6.17 -12.02 -1.49
CA THR A 125 6.78 -13.32 -1.18
C THR A 125 6.28 -14.39 -2.18
N ALA A 126 6.85 -15.62 -2.15
CA ALA A 126 6.51 -16.74 -3.05
C ALA A 126 5.00 -16.99 -3.25
N ASP A 127 4.17 -16.75 -2.22
CA ASP A 127 2.71 -16.92 -2.22
C ASP A 127 1.94 -15.77 -2.91
N GLY A 128 2.66 -14.74 -3.36
CA GLY A 128 2.09 -13.56 -4.00
C GLY A 128 1.49 -12.56 -3.03
N ASP A 129 1.80 -12.73 -1.73
CA ASP A 129 1.30 -11.84 -0.70
C ASP A 129 2.41 -10.93 -0.18
N PHE A 130 2.02 -9.79 0.43
CA PHE A 130 2.95 -8.85 1.03
C PHE A 130 3.09 -9.17 2.51
N PRO A 131 4.30 -9.55 2.98
CA PRO A 131 4.44 -9.91 4.39
C PRO A 131 4.43 -8.71 5.33
N ASP A 132 4.08 -8.95 6.59
CA ASP A 132 4.14 -7.92 7.60
C ASP A 132 5.56 -7.87 8.18
N THR A 133 6.23 -9.04 8.27
CA THR A 133 7.60 -9.23 8.77
C THR A 133 8.63 -9.20 7.62
N ILE A 134 9.71 -8.43 7.80
CA ILE A 134 10.80 -8.25 6.83
C ILE A 134 11.45 -9.60 6.49
N GLN A 135 11.75 -9.80 5.19
CA GLN A 135 12.35 -11.03 4.67
C GLN A 135 13.78 -10.84 4.24
N CYS A 136 14.59 -11.88 4.43
CA CYS A 136 16.02 -11.94 4.12
C CYS A 136 16.31 -13.15 3.23
N ALA A 137 17.39 -13.07 2.44
CA ALA A 137 17.91 -14.16 1.60
C ALA A 137 19.34 -13.91 1.22
N TYR A 138 20.16 -14.97 1.24
CA TYR A 138 21.55 -14.88 0.80
C TYR A 138 21.55 -15.18 -0.68
N ILE A 139 22.15 -14.29 -1.49
CA ILE A 139 22.24 -14.45 -2.94
C ILE A 139 23.71 -14.20 -3.36
N HIS A 140 24.06 -14.48 -4.63
CA HIS A 140 25.42 -14.29 -5.11
C HIS A 140 25.44 -13.39 -6.31
N LEU A 141 26.56 -12.65 -6.48
CA LEU A 141 26.81 -11.76 -7.62
C LEU A 141 27.12 -12.58 -8.87
N VAL A 142 26.24 -12.46 -9.86
CA VAL A 142 26.26 -13.12 -11.18
C VAL A 142 27.17 -12.30 -12.09
N SER A 143 27.82 -12.97 -13.07
CA SER A 143 28.72 -12.34 -14.03
C SER A 143 28.02 -11.39 -14.99
N ARG A 144 28.76 -10.38 -15.46
CA ARG A 144 28.30 -9.40 -16.43
C ARG A 144 27.80 -10.12 -17.69
N GLU A 145 28.56 -11.15 -18.16
CA GLU A 145 28.28 -11.96 -19.34
C GLU A 145 26.95 -12.71 -19.20
N GLU A 146 26.70 -13.31 -18.02
CA GLU A 146 25.49 -14.06 -17.68
C GLU A 146 24.27 -13.13 -17.72
N CYS A 147 24.40 -11.94 -17.10
CA CYS A 147 23.35 -10.92 -17.05
C CYS A 147 23.02 -10.38 -18.43
N GLU A 148 24.08 -10.03 -19.20
CA GLU A 148 24.00 -9.52 -20.56
C GLU A 148 23.21 -10.46 -21.46
N HIS A 149 23.40 -11.80 -21.28
CA HIS A 149 22.67 -12.84 -22.00
C HIS A 149 21.18 -12.90 -21.56
N ALA A 150 20.91 -12.70 -20.25
CA ALA A 150 19.57 -12.76 -19.66
C ALA A 150 18.70 -11.58 -20.11
N TYR A 151 19.32 -10.40 -20.25
CA TYR A 151 18.68 -9.17 -20.67
C TYR A 151 19.56 -8.56 -21.79
N PRO A 152 19.31 -8.95 -23.08
CA PRO A 152 20.18 -8.48 -24.19
C PRO A 152 20.21 -6.97 -24.39
N GLY A 153 21.42 -6.42 -24.32
CA GLY A 153 21.70 -4.99 -24.49
C GLY A 153 21.03 -4.04 -23.49
N GLN A 154 20.65 -4.53 -22.28
CA GLN A 154 19.98 -3.73 -21.25
C GLN A 154 20.86 -3.47 -20.01
N ILE A 155 22.02 -4.14 -19.92
CA ILE A 155 22.92 -4.04 -18.77
C ILE A 155 24.08 -3.09 -19.04
N THR A 156 24.19 -2.05 -18.20
CA THR A 156 25.25 -1.03 -18.28
C THR A 156 26.24 -1.24 -17.12
N GLN A 157 27.31 -0.44 -17.10
CA GLN A 157 28.32 -0.46 -16.05
C GLN A 157 27.84 0.07 -14.69
N ASN A 158 26.62 0.67 -14.66
CA ASN A 158 25.97 1.27 -13.49
C ASN A 158 25.00 0.28 -12.82
N MET A 159 25.07 -0.97 -13.25
CA MET A 159 24.22 -2.06 -12.80
C MET A 159 25.06 -3.29 -12.36
N LEU A 160 24.55 -4.06 -11.39
CA LEU A 160 25.09 -5.32 -10.86
C LEU A 160 24.00 -6.34 -10.95
N CYS A 161 24.38 -7.62 -11.05
CA CYS A 161 23.40 -8.71 -11.09
C CYS A 161 23.68 -9.72 -10.01
N ALA A 162 22.64 -10.13 -9.31
CA ALA A 162 22.72 -11.08 -8.22
C ALA A 162 21.52 -11.99 -8.16
N GLY A 163 21.79 -13.25 -7.87
CA GLY A 163 20.76 -14.28 -7.79
C GLY A 163 21.21 -15.57 -7.13
N ASP A 164 20.39 -16.61 -7.31
CA ASP A 164 20.58 -17.94 -6.78
C ASP A 164 19.94 -18.93 -7.76
N GLU A 165 20.79 -19.67 -8.52
CA GLU A 165 20.35 -20.65 -9.53
C GLU A 165 19.66 -21.86 -8.91
N LYS A 166 19.93 -22.10 -7.61
CA LYS A 166 19.43 -23.20 -6.82
C LYS A 166 17.93 -23.14 -6.52
N TYR A 167 17.45 -22.04 -5.91
CA TYR A 167 16.03 -21.93 -5.54
C TYR A 167 15.32 -20.69 -6.12
N GLY A 168 16.06 -19.84 -6.84
CA GLY A 168 15.53 -18.64 -7.47
C GLY A 168 15.26 -17.49 -6.51
N LYS A 169 16.13 -17.33 -5.49
CA LYS A 169 16.03 -16.26 -4.49
C LYS A 169 16.20 -14.91 -5.19
N ASP A 170 15.13 -14.09 -5.17
CA ASP A 170 15.06 -12.82 -5.86
C ASP A 170 14.34 -11.75 -5.06
N SER A 171 14.61 -10.48 -5.42
CA SER A 171 13.95 -9.28 -4.93
C SER A 171 12.64 -9.25 -5.66
N CYS A 172 11.65 -8.50 -5.16
CA CYS A 172 10.33 -8.45 -5.79
C CYS A 172 9.63 -7.12 -5.58
N GLN A 173 8.44 -6.95 -6.20
CA GLN A 173 7.58 -5.76 -6.06
C GLN A 173 7.47 -5.39 -4.60
N GLY A 174 7.89 -4.17 -4.26
CA GLY A 174 7.94 -3.66 -2.88
C GLY A 174 9.33 -3.62 -2.24
N ASP A 175 10.32 -4.39 -2.80
CA ASP A 175 11.71 -4.44 -2.29
C ASP A 175 12.63 -3.39 -2.93
N SER A 176 12.20 -2.75 -4.02
CA SER A 176 12.90 -1.70 -4.77
C SER A 176 13.52 -0.62 -3.89
N GLY A 177 14.72 -0.19 -4.23
CA GLY A 177 15.43 0.82 -3.45
C GLY A 177 16.09 0.25 -2.23
N GLY A 178 15.75 -1.00 -1.90
CA GLY A 178 16.30 -1.73 -0.77
C GLY A 178 17.74 -2.16 -1.00
N PRO A 179 18.42 -2.66 0.07
CA PRO A 179 19.85 -2.99 -0.06
C PRO A 179 20.26 -4.37 -0.56
N LEU A 180 21.41 -4.41 -1.21
CA LEU A 180 22.16 -5.60 -1.60
C LEU A 180 23.41 -5.42 -0.72
N VAL A 181 23.49 -6.15 0.41
CA VAL A 181 24.60 -6.01 1.36
C VAL A 181 25.70 -7.08 1.11
N CYS A 182 26.97 -6.66 0.85
CA CYS A 182 28.13 -7.55 0.65
C CYS A 182 29.29 -7.05 1.52
N GLY A 183 29.72 -7.87 2.48
CA GLY A 183 30.80 -7.56 3.42
C GLY A 183 30.48 -6.46 4.40
N ASP A 184 29.19 -6.38 4.85
CA ASP A 184 28.64 -5.38 5.80
C ASP A 184 28.78 -3.96 5.24
N HIS A 185 28.65 -3.85 3.92
CA HIS A 185 28.71 -2.60 3.18
C HIS A 185 27.61 -2.61 2.13
N LEU A 186 27.11 -1.43 1.78
CA LEU A 186 26.11 -1.32 0.72
C LEU A 186 26.76 -1.52 -0.65
N ARG A 187 26.39 -2.60 -1.36
CA ARG A 187 26.95 -2.86 -2.68
C ARG A 187 26.00 -2.41 -3.79
N GLY A 188 24.69 -2.63 -3.58
CA GLY A 188 23.70 -2.30 -4.57
C GLY A 188 22.34 -1.89 -4.04
N LEU A 189 21.48 -1.45 -4.94
CA LEU A 189 20.10 -1.08 -4.63
C LEU A 189 19.20 -1.88 -5.52
N VAL A 190 18.19 -2.59 -4.96
CA VAL A 190 17.19 -3.32 -5.76
C VAL A 190 16.67 -2.36 -6.84
N SER A 191 16.91 -2.68 -8.13
CA SER A 191 16.51 -1.84 -9.26
C SER A 191 15.38 -2.43 -10.13
N TRP A 192 15.64 -3.56 -10.78
CA TRP A 192 14.64 -4.22 -11.63
C TRP A 192 15.05 -5.68 -11.83
N GLY A 193 14.25 -6.43 -12.57
CA GLY A 193 14.54 -7.83 -12.84
C GLY A 193 13.38 -8.54 -13.47
N ASN A 194 13.53 -9.87 -13.57
CA ASN A 194 12.56 -10.77 -14.20
C ASN A 194 11.19 -10.80 -13.55
N TYR A 195 10.15 -10.94 -14.41
CA TYR A 195 8.77 -11.12 -14.01
C TYR A 195 8.18 -12.46 -14.54
N PRO A 196 7.57 -13.30 -13.67
CA PRO A 196 7.41 -13.15 -12.21
C PRO A 196 8.75 -13.19 -11.48
N CYS A 197 8.80 -12.68 -10.22
CA CYS A 197 10.06 -12.66 -9.46
C CYS A 197 10.60 -14.06 -9.26
N GLY A 198 11.89 -14.18 -9.45
CA GLY A 198 12.65 -15.42 -9.37
C GLY A 198 13.89 -15.24 -10.22
N SER A 199 15.06 -15.61 -9.65
CA SER A 199 16.35 -15.46 -10.33
C SER A 199 16.98 -16.80 -10.76
N LYS A 200 16.17 -17.88 -10.85
CA LYS A 200 16.62 -19.23 -11.28
C LYS A 200 17.29 -19.26 -12.67
N GLU A 201 16.92 -18.30 -13.56
CA GLU A 201 17.46 -18.15 -14.91
C GLU A 201 17.90 -16.69 -15.14
N LYS A 202 16.98 -15.73 -14.93
CA LYS A 202 17.25 -14.30 -15.13
C LYS A 202 17.50 -13.61 -13.79
N PRO A 203 18.77 -13.23 -13.48
CA PRO A 203 19.05 -12.63 -12.17
C PRO A 203 18.40 -11.27 -11.90
N GLY A 204 18.49 -10.83 -10.65
CA GLY A 204 17.98 -9.55 -10.20
C GLY A 204 18.98 -8.49 -10.58
N VAL A 205 18.50 -7.32 -11.00
CA VAL A 205 19.39 -6.22 -11.38
C VAL A 205 19.39 -5.15 -10.29
N TYR A 206 20.60 -4.69 -9.89
CA TYR A 206 20.85 -3.70 -8.84
C TYR A 206 21.66 -2.48 -9.32
N THR A 207 21.37 -1.28 -8.78
CA THR A 207 22.16 -0.07 -9.05
C THR A 207 23.52 -0.33 -8.37
N ASN A 208 24.63 -0.02 -9.07
CA ASN A 208 26.01 -0.23 -8.64
C ASN A 208 26.53 1.00 -7.88
N VAL A 209 26.29 0.99 -6.56
CA VAL A 209 26.56 2.05 -5.58
C VAL A 209 27.98 2.62 -5.59
N CYS A 210 29.02 1.78 -5.84
CA CYS A 210 30.43 2.21 -5.84
C CYS A 210 30.71 3.35 -6.83
N ARG A 211 29.97 3.38 -7.96
CA ARG A 211 30.06 4.36 -9.04
C ARG A 211 29.49 5.73 -8.66
N TYR A 212 28.76 5.84 -7.54
CA TYR A 212 28.13 7.10 -7.13
C TYR A 212 28.74 7.73 -5.90
N THR A 213 29.96 7.32 -5.53
CA THR A 213 30.70 7.81 -4.35
C THR A 213 30.76 9.33 -4.29
N ASN A 214 31.18 9.96 -5.40
CA ASN A 214 31.32 11.41 -5.59
C ASN A 214 30.00 12.17 -5.57
N TRP A 215 28.95 11.66 -6.27
CA TRP A 215 27.65 12.34 -6.33
C TRP A 215 26.96 12.36 -4.97
N ILE A 216 26.98 11.22 -4.25
CA ILE A 216 26.40 11.07 -2.91
C ILE A 216 26.98 12.14 -1.98
N GLN A 217 28.34 12.18 -1.84
CA GLN A 217 29.04 13.11 -0.94
C GLN A 217 28.75 14.59 -1.25
N LYS A 218 28.82 14.94 -2.54
CA LYS A 218 28.54 16.25 -3.11
C LYS A 218 27.08 16.68 -2.78
N THR A 219 26.11 15.71 -2.80
CA THR A 219 24.69 15.97 -2.42
C THR A 219 24.55 16.19 -0.91
N ILE A 220 25.20 15.36 -0.09
CA ILE A 220 25.17 15.50 1.37
C ILE A 220 25.88 16.80 1.85
N GLN A 221 26.96 17.22 1.15
CA GLN A 221 27.71 18.47 1.45
C GLN A 221 26.92 19.74 1.09
N ALA A 222 26.06 19.69 0.04
CA ALA A 222 25.25 20.81 -0.49
C ALA A 222 24.60 21.71 0.57
N LEU B 1 -11.17 -0.86 10.87
CA LEU B 1 -11.54 0.44 11.42
C LEU B 1 -10.86 0.58 12.79
N VAL B 2 -10.04 1.63 12.95
CA VAL B 2 -9.32 1.87 14.22
C VAL B 2 -10.03 2.88 15.15
N HIS B 3 -9.97 2.59 16.48
CA HIS B 3 -10.46 3.43 17.58
C HIS B 3 -12.00 3.57 17.63
N GLY B 4 -12.71 2.65 16.99
CA GLY B 4 -14.15 2.59 17.03
C GLY B 4 -14.64 1.60 18.09
N GLY B 5 -15.75 0.96 17.79
CA GLY B 5 -16.38 -0.03 18.65
C GLY B 5 -17.41 -0.80 17.85
N PRO B 6 -17.99 -1.92 18.38
CA PRO B 6 -18.98 -2.69 17.59
C PRO B 6 -20.23 -1.89 17.21
N CYS B 7 -20.78 -2.10 15.99
CA CYS B 7 -22.02 -1.40 15.61
C CYS B 7 -23.19 -2.06 16.33
N ASP B 8 -24.32 -1.36 16.31
CA ASP B 8 -25.58 -1.90 16.77
C ASP B 8 -25.99 -2.82 15.59
N LYS B 9 -26.44 -4.04 15.92
CA LYS B 9 -26.86 -5.13 15.04
C LYS B 9 -27.86 -4.73 13.94
N THR B 10 -28.69 -3.71 14.21
CA THR B 10 -29.79 -3.29 13.35
C THR B 10 -29.55 -2.03 12.49
N SER B 11 -28.39 -1.36 12.68
CA SER B 11 -28.07 -0.07 12.04
C SER B 11 -27.35 -0.10 10.66
N HIS B 12 -26.88 -1.26 10.19
CA HIS B 12 -26.09 -1.35 8.95
C HIS B 12 -26.69 -2.34 7.90
N PRO B 13 -28.00 -2.23 7.51
CA PRO B 13 -28.57 -3.24 6.57
C PRO B 13 -28.03 -3.23 5.14
N TYR B 14 -27.35 -2.12 4.79
CA TYR B 14 -26.74 -1.87 3.49
C TYR B 14 -25.30 -2.40 3.38
N GLN B 15 -24.71 -2.85 4.49
CA GLN B 15 -23.32 -3.29 4.50
C GLN B 15 -23.08 -4.67 3.83
N ALA B 16 -22.09 -4.74 2.92
CA ALA B 16 -21.67 -5.98 2.28
C ALA B 16 -20.25 -6.37 2.77
N ALA B 17 -19.96 -7.70 2.84
CA ALA B 17 -18.67 -8.33 3.18
C ALA B 17 -18.23 -8.95 1.87
N LEU B 18 -17.00 -8.65 1.44
CA LEU B 18 -16.48 -9.13 0.17
C LEU B 18 -15.38 -10.12 0.41
N TYR B 19 -15.56 -11.33 -0.14
CA TYR B 19 -14.64 -12.45 0.00
C TYR B 19 -14.10 -12.92 -1.34
N THR B 20 -12.88 -13.46 -1.29
CA THR B 20 -12.18 -14.09 -2.39
C THR B 20 -11.32 -15.22 -1.79
N SER B 21 -11.55 -16.47 -2.27
CA SER B 21 -10.88 -17.70 -1.81
C SER B 21 -11.13 -18.00 -0.31
N GLY B 22 -12.33 -17.62 0.17
CA GLY B 22 -12.71 -17.82 1.55
C GLY B 22 -12.11 -16.85 2.54
N HIS B 23 -11.45 -15.77 2.05
CA HIS B 23 -10.86 -14.76 2.93
C HIS B 23 -11.50 -13.38 2.69
N LEU B 24 -11.75 -12.64 3.78
CA LEU B 24 -12.33 -11.30 3.73
C LEU B 24 -11.35 -10.35 3.01
N LEU B 25 -11.86 -9.66 2.00
CA LEU B 25 -11.07 -8.75 1.21
C LEU B 25 -11.44 -7.28 1.42
N CYS B 26 -12.73 -6.96 1.30
CA CYS B 26 -13.20 -5.58 1.31
C CYS B 26 -14.59 -5.48 1.90
N GLY B 27 -15.06 -4.23 2.00
CA GLY B 27 -16.42 -3.85 2.34
C GLY B 27 -17.12 -3.54 1.06
N GLY B 28 -18.39 -3.15 1.16
CA GLY B 28 -19.24 -2.84 0.02
C GLY B 28 -20.53 -2.27 0.52
N VAL B 29 -21.32 -1.67 -0.38
CA VAL B 29 -22.62 -1.08 0.00
C VAL B 29 -23.68 -1.53 -0.99
N LEU B 30 -24.83 -2.03 -0.49
CA LEU B 30 -25.96 -2.42 -1.32
C LEU B 30 -26.67 -1.12 -1.71
N ILE B 31 -26.82 -0.88 -3.02
CA ILE B 31 -27.43 0.37 -3.49
C ILE B 31 -28.70 0.10 -4.33
N HIS B 32 -28.85 -1.15 -4.81
CA HIS B 32 -29.98 -1.66 -5.62
C HIS B 32 -30.08 -3.14 -5.29
N PRO B 33 -31.26 -3.82 -5.33
CA PRO B 33 -31.27 -5.28 -5.03
C PRO B 33 -30.27 -6.14 -5.82
N LEU B 34 -29.83 -5.71 -7.01
CA LEU B 34 -28.86 -6.50 -7.79
C LEU B 34 -27.44 -5.98 -7.78
N TRP B 35 -27.20 -4.85 -7.07
CA TRP B 35 -25.95 -4.14 -7.20
C TRP B 35 -25.31 -3.66 -5.93
N VAL B 36 -24.01 -4.00 -5.79
CA VAL B 36 -23.13 -3.63 -4.68
C VAL B 36 -22.08 -2.66 -5.23
N LEU B 37 -21.85 -1.57 -4.52
CA LEU B 37 -20.88 -0.55 -4.86
C LEU B 37 -19.63 -0.70 -3.94
N THR B 38 -18.44 -0.79 -4.54
CA THR B 38 -17.18 -0.95 -3.80
C THR B 38 -16.06 -0.12 -4.45
N ALA B 39 -14.81 -0.31 -4.00
CA ALA B 39 -13.63 0.38 -4.53
C ALA B 39 -13.12 -0.43 -5.69
N ALA B 40 -12.65 0.23 -6.74
CA ALA B 40 -12.01 -0.40 -7.90
C ALA B 40 -10.78 -1.24 -7.49
N HIS B 41 -10.04 -0.79 -6.45
CA HIS B 41 -8.85 -1.53 -6.00
C HIS B 41 -9.22 -2.85 -5.27
N CYS B 42 -10.53 -3.14 -5.11
CA CYS B 42 -11.02 -4.39 -4.53
C CYS B 42 -11.24 -5.46 -5.59
N LYS B 43 -11.14 -5.09 -6.88
CA LYS B 43 -11.30 -6.00 -8.02
C LYS B 43 -10.36 -7.22 -7.94
N LYS B 44 -10.96 -8.41 -7.79
CA LYS B 44 -10.27 -9.69 -7.72
C LYS B 44 -11.12 -10.73 -8.47
N PRO B 45 -10.56 -11.87 -8.91
CA PRO B 45 -11.41 -12.86 -9.59
C PRO B 45 -12.26 -13.64 -8.57
N ASN B 46 -13.42 -14.12 -9.02
CA ASN B 46 -14.37 -14.96 -8.26
C ASN B 46 -14.80 -14.38 -6.89
N LEU B 47 -15.21 -13.10 -6.88
CA LEU B 47 -15.71 -12.42 -5.67
C LEU B 47 -17.04 -13.01 -5.17
N GLN B 48 -17.17 -13.11 -3.83
CA GLN B 48 -18.37 -13.58 -3.15
C GLN B 48 -18.83 -12.48 -2.21
N VAL B 49 -20.12 -12.09 -2.30
CA VAL B 49 -20.76 -11.07 -1.46
C VAL B 49 -21.64 -11.75 -0.39
N PHE B 50 -21.52 -11.27 0.85
CA PHE B 50 -22.33 -11.67 1.99
C PHE B 50 -23.12 -10.45 2.44
N LEU B 51 -24.44 -10.54 2.42
CA LEU B 51 -25.36 -9.49 2.84
C LEU B 51 -26.08 -9.93 4.12
N GLY B 52 -26.57 -8.97 4.91
CA GLY B 52 -27.24 -9.24 6.18
C GLY B 52 -26.35 -9.84 7.24
N LYS B 53 -25.02 -9.58 7.17
CA LYS B 53 -24.05 -10.10 8.15
C LYS B 53 -23.72 -9.04 9.20
N HIS B 54 -23.36 -9.49 10.41
CA HIS B 54 -22.93 -8.61 11.50
C HIS B 54 -21.63 -9.17 12.10
N ASN B 55 -21.67 -10.48 12.43
CA ASN B 55 -20.59 -11.27 13.02
C ASN B 55 -20.17 -12.37 12.04
N LEU B 56 -18.97 -12.23 11.48
CA LEU B 56 -18.37 -13.17 10.53
C LEU B 56 -18.04 -14.56 11.14
N GLY B 57 -17.98 -14.62 12.47
CA GLY B 57 -17.69 -15.84 13.23
C GLY B 57 -18.92 -16.66 13.59
N GLN B 58 -20.08 -16.34 13.00
CA GLN B 58 -21.33 -17.06 13.20
C GLN B 58 -22.21 -16.99 11.95
N GLN B 59 -23.09 -17.98 11.82
CA GLN B 59 -24.07 -18.02 10.75
C GLN B 59 -25.28 -17.33 11.31
N GLU B 60 -25.78 -16.31 10.63
CA GLU B 60 -26.92 -15.47 11.05
C GLU B 60 -28.17 -15.74 10.17
N SER B 61 -29.37 -15.81 10.76
CA SER B 61 -30.62 -16.17 10.05
C SER B 61 -31.07 -15.17 8.95
N SER B 62 -30.46 -14.01 8.92
CA SER B 62 -30.69 -12.92 7.99
C SER B 62 -29.68 -12.92 6.83
N GLN B 63 -28.53 -13.59 7.00
CA GLN B 63 -27.48 -13.54 5.99
C GLN B 63 -27.88 -14.14 4.65
N GLU B 64 -27.18 -13.64 3.60
CA GLU B 64 -27.34 -14.02 2.20
C GLU B 64 -25.99 -14.03 1.45
N GLN B 65 -25.60 -15.19 0.92
CA GLN B 65 -24.39 -15.26 0.10
C GLN B 65 -24.73 -15.26 -1.40
N SER B 66 -23.95 -14.50 -2.20
CA SER B 66 -24.17 -14.43 -3.64
C SER B 66 -22.84 -14.25 -4.37
N SER B 67 -22.68 -14.92 -5.52
CA SER B 67 -21.47 -14.71 -6.33
C SER B 67 -21.67 -13.47 -7.23
N VAL B 68 -20.55 -12.88 -7.66
CA VAL B 68 -20.56 -11.69 -8.51
C VAL B 68 -20.55 -12.19 -9.95
N VAL B 69 -21.58 -11.88 -10.73
CA VAL B 69 -21.63 -12.34 -12.13
C VAL B 69 -21.04 -11.28 -13.10
N ARG B 70 -20.84 -10.04 -12.61
CA ARG B 70 -20.24 -8.93 -13.38
C ARG B 70 -19.57 -7.94 -12.47
N ALA B 71 -18.31 -7.63 -12.77
CA ALA B 71 -17.52 -6.66 -12.04
C ALA B 71 -17.29 -5.45 -12.96
N VAL B 72 -18.01 -4.35 -12.72
CA VAL B 72 -17.91 -3.15 -13.56
C VAL B 72 -16.99 -2.09 -12.92
N ILE B 73 -15.67 -2.18 -13.18
CA ILE B 73 -14.69 -1.20 -12.70
C ILE B 73 -14.93 0.17 -13.39
N HIS B 74 -14.64 1.30 -12.73
CA HIS B 74 -14.83 2.57 -13.46
C HIS B 74 -13.83 2.61 -14.65
N PRO B 75 -14.28 2.90 -15.90
CA PRO B 75 -13.38 2.88 -17.07
C PRO B 75 -12.15 3.76 -16.98
N ASP B 76 -12.25 4.88 -16.23
CA ASP B 76 -11.20 5.88 -16.06
C ASP B 76 -10.44 5.75 -14.73
N TYR B 77 -10.58 4.59 -14.05
CA TYR B 77 -9.88 4.28 -12.80
C TYR B 77 -8.39 4.33 -13.03
N ASP B 78 -7.70 5.04 -12.16
CA ASP B 78 -6.27 5.21 -12.22
C ASP B 78 -5.65 4.61 -10.96
N ALA B 79 -5.15 3.39 -11.07
CA ALA B 79 -4.56 2.64 -9.97
C ALA B 79 -3.32 3.29 -9.36
N ALA B 80 -2.58 4.09 -10.16
CA ALA B 80 -1.35 4.77 -9.73
C ALA B 80 -1.66 5.98 -8.85
N SER B 81 -2.73 6.73 -9.19
CA SER B 81 -3.13 7.92 -8.43
C SER B 81 -4.37 7.67 -7.56
N HIS B 82 -4.93 6.44 -7.58
CA HIS B 82 -6.14 6.04 -6.85
C HIS B 82 -7.40 6.84 -7.29
N ASP B 83 -7.34 7.49 -8.48
CA ASP B 83 -8.40 8.34 -8.99
C ASP B 83 -9.54 7.50 -9.60
N GLN B 84 -10.81 7.92 -9.34
CA GLN B 84 -12.03 7.22 -9.80
C GLN B 84 -12.10 5.77 -9.24
N ASP B 85 -11.84 5.64 -7.91
CA ASP B 85 -11.75 4.39 -7.19
C ASP B 85 -13.14 3.86 -6.83
N ILE B 86 -13.85 3.34 -7.85
CA ILE B 86 -15.23 2.88 -7.74
C ILE B 86 -15.50 1.72 -8.69
N MET B 87 -16.24 0.72 -8.22
CA MET B 87 -16.63 -0.44 -9.00
C MET B 87 -18.05 -0.87 -8.66
N LEU B 88 -18.82 -1.24 -9.70
CA LEU B 88 -20.18 -1.79 -9.56
C LEU B 88 -20.16 -3.34 -9.63
N LEU B 89 -20.65 -4.01 -8.57
CA LEU B 89 -20.77 -5.47 -8.56
C LEU B 89 -22.22 -5.93 -8.79
N ARG B 90 -22.45 -6.78 -9.83
CA ARG B 90 -23.76 -7.36 -10.09
C ARG B 90 -23.84 -8.73 -9.43
N LEU B 91 -24.87 -8.91 -8.60
CA LEU B 91 -25.11 -10.15 -7.86
C LEU B 91 -25.78 -11.18 -8.76
N ALA B 92 -25.49 -12.47 -8.52
CA ALA B 92 -26.10 -13.63 -9.20
C ALA B 92 -27.63 -13.62 -9.14
N ARG B 93 -28.19 -13.04 -8.05
CA ARG B 93 -29.64 -12.93 -7.79
C ARG B 93 -29.95 -11.68 -6.95
N PRO B 94 -31.16 -11.08 -7.09
CA PRO B 94 -31.47 -9.90 -6.30
C PRO B 94 -31.49 -10.20 -4.82
N ALA B 95 -30.91 -9.29 -4.01
CA ALA B 95 -30.91 -9.41 -2.56
C ALA B 95 -32.37 -9.39 -2.10
N LYS B 96 -32.69 -10.26 -1.12
CA LYS B 96 -34.04 -10.35 -0.54
CA LYS B 96 -34.03 -10.34 -0.54
C LYS B 96 -34.10 -9.31 0.58
N LEU B 97 -34.76 -8.18 0.32
CA LEU B 97 -34.88 -7.09 1.28
C LEU B 97 -35.66 -7.51 2.54
N SER B 98 -35.12 -7.14 3.71
CA SER B 98 -35.67 -7.47 5.02
C SER B 98 -35.34 -6.31 5.96
N GLU B 99 -35.50 -6.54 7.25
CA GLU B 99 -35.15 -5.58 8.28
C GLU B 99 -33.62 -5.38 8.31
N LEU B 100 -32.83 -6.42 7.93
CA LEU B 100 -31.37 -6.39 8.01
C LEU B 100 -30.63 -6.42 6.66
N ILE B 101 -31.35 -6.32 5.53
CA ILE B 101 -30.82 -6.22 4.17
C ILE B 101 -31.68 -5.14 3.50
N GLN B 102 -31.11 -3.94 3.23
CA GLN B 102 -31.78 -2.79 2.60
C GLN B 102 -30.77 -1.97 1.82
N PRO B 103 -31.12 -1.34 0.67
CA PRO B 103 -30.12 -0.51 -0.04
C PRO B 103 -29.95 0.87 0.62
N LEU B 104 -28.76 1.48 0.50
CA LEU B 104 -28.49 2.84 1.01
C LEU B 104 -28.64 3.84 -0.15
N PRO B 105 -29.51 4.89 -0.06
CA PRO B 105 -29.62 5.84 -1.18
C PRO B 105 -28.34 6.67 -1.39
N LEU B 106 -27.98 6.89 -2.66
CA LEU B 106 -26.77 7.64 -3.02
C LEU B 106 -26.95 9.14 -2.78
N GLU B 107 -25.86 9.81 -2.34
CA GLU B 107 -25.88 11.26 -2.19
C GLU B 107 -25.73 11.80 -3.60
N ARG B 108 -26.74 12.52 -4.09
CA ARG B 108 -26.76 13.04 -5.45
C ARG B 108 -26.27 14.50 -5.55
N ASP B 109 -26.31 15.22 -4.42
CA ASP B 109 -25.90 16.61 -4.34
C ASP B 109 -24.45 16.74 -3.82
N CYS B 110 -23.54 17.16 -4.71
CA CYS B 110 -22.13 17.34 -4.40
C CYS B 110 -21.89 18.50 -3.42
N SER B 111 -22.89 19.38 -3.27
CA SER B 111 -22.85 20.52 -2.35
C SER B 111 -23.59 20.23 -1.01
N ALA B 112 -24.00 18.96 -0.74
CA ALA B 112 -24.67 18.53 0.53
C ALA B 112 -23.93 19.11 1.75
N GLN B 113 -24.67 19.75 2.67
CA GLN B 113 -24.12 20.47 3.84
C GLN B 113 -23.76 19.62 5.05
N THR B 114 -24.31 18.38 5.17
CA THR B 114 -24.03 17.49 6.31
C THR B 114 -22.55 17.08 6.32
N THR B 115 -21.88 17.29 7.48
CA THR B 115 -20.46 16.99 7.70
C THR B 115 -20.27 15.86 8.71
N SER B 116 -21.27 15.67 9.61
CA SER B 116 -21.32 14.62 10.61
C SER B 116 -21.65 13.28 9.89
N CYS B 117 -20.65 12.41 9.80
CA CYS B 117 -20.72 11.15 9.07
C CYS B 117 -20.37 9.94 9.95
N HIS B 118 -20.52 8.74 9.40
CA HIS B 118 -20.08 7.52 10.05
C HIS B 118 -19.52 6.53 9.04
N ILE B 119 -18.60 5.71 9.54
CA ILE B 119 -17.94 4.64 8.81
C ILE B 119 -18.12 3.29 9.51
N LEU B 120 -18.06 2.22 8.72
CA LEU B 120 -18.23 0.86 9.20
C LEU B 120 -17.39 -0.15 8.42
N GLY B 121 -16.97 -1.22 9.11
CA GLY B 121 -16.22 -2.30 8.48
C GLY B 121 -15.64 -3.37 9.39
N TRP B 122 -15.19 -4.46 8.73
CA TRP B 122 -14.51 -5.60 9.33
C TRP B 122 -12.97 -5.54 9.17
N GLY B 123 -12.43 -4.38 8.82
CA GLY B 123 -10.98 -4.16 8.66
C GLY B 123 -10.21 -4.17 9.97
N LYS B 124 -8.87 -4.09 9.90
CA LYS B 124 -8.01 -4.12 11.09
C LYS B 124 -8.41 -3.04 12.10
N THR B 125 -8.41 -3.41 13.40
CA THR B 125 -8.66 -2.54 14.56
C THR B 125 -7.29 -2.09 15.10
N ALA B 126 -7.28 -1.21 16.14
CA ALA B 126 -6.06 -0.63 16.72
C ALA B 126 -4.99 -1.66 17.10
N ASP B 127 -5.41 -2.82 17.66
CA ASP B 127 -4.54 -3.91 18.13
C ASP B 127 -3.87 -4.79 17.04
N GLY B 128 -4.15 -4.50 15.77
CA GLY B 128 -3.58 -5.23 14.64
C GLY B 128 -4.40 -6.40 14.14
N ASP B 129 -5.42 -6.81 14.92
CA ASP B 129 -6.32 -7.91 14.61
C ASP B 129 -7.53 -7.53 13.74
N PHE B 130 -8.13 -8.53 13.08
CA PHE B 130 -9.33 -8.41 12.29
C PHE B 130 -10.51 -8.83 13.18
N PRO B 131 -11.52 -7.95 13.41
CA PRO B 131 -12.64 -8.34 14.28
C PRO B 131 -13.70 -9.19 13.58
N ASP B 132 -14.36 -10.10 14.33
CA ASP B 132 -15.48 -10.91 13.80
C ASP B 132 -16.74 -10.04 13.73
N THR B 133 -16.89 -9.12 14.68
CA THR B 133 -18.04 -8.22 14.74
C THR B 133 -17.68 -6.89 14.06
N ILE B 134 -18.58 -6.42 13.18
CA ILE B 134 -18.41 -5.16 12.45
C ILE B 134 -18.19 -3.98 13.42
N GLN B 135 -17.28 -3.05 13.05
CA GLN B 135 -16.95 -1.87 13.86
C GLN B 135 -17.52 -0.63 13.20
N CYS B 136 -17.89 0.34 14.02
CA CYS B 136 -18.46 1.63 13.66
C CYS B 136 -17.68 2.75 14.33
N ALA B 137 -17.78 3.96 13.75
CA ALA B 137 -17.22 5.20 14.28
C ALA B 137 -17.81 6.37 13.55
N TYR B 138 -18.13 7.42 14.32
CA TYR B 138 -18.59 8.69 13.78
C TYR B 138 -17.36 9.50 13.41
N ILE B 139 -17.35 10.09 12.20
CA ILE B 139 -16.25 10.94 11.74
C ILE B 139 -16.82 12.21 11.09
N HIS B 140 -15.97 13.17 10.73
CA HIS B 140 -16.42 14.43 10.13
C HIS B 140 -15.71 14.73 8.84
N LEU B 141 -16.47 15.08 7.80
CA LEU B 141 -15.94 15.56 6.51
C LEU B 141 -15.10 16.84 6.74
N VAL B 142 -13.93 16.90 6.10
CA VAL B 142 -13.08 18.09 6.17
C VAL B 142 -13.18 18.82 4.83
N SER B 143 -12.77 20.08 4.78
CA SER B 143 -12.85 20.88 3.55
C SER B 143 -11.86 20.39 2.52
N ARG B 144 -12.15 20.62 1.22
CA ARG B 144 -11.23 20.23 0.13
C ARG B 144 -9.88 20.97 0.29
N GLU B 145 -9.89 22.18 0.91
CA GLU B 145 -8.69 22.96 1.22
C GLU B 145 -7.83 22.20 2.21
N GLU B 146 -8.39 21.78 3.37
CA GLU B 146 -7.67 20.99 4.41
C GLU B 146 -7.16 19.64 3.85
N CYS B 147 -8.00 18.96 3.04
CA CYS B 147 -7.78 17.64 2.37
C CYS B 147 -6.54 17.79 1.44
N GLU B 148 -6.57 18.80 0.53
CA GLU B 148 -5.45 19.11 -0.39
C GLU B 148 -4.15 19.46 0.36
N HIS B 149 -4.29 20.04 1.56
CA HIS B 149 -3.17 20.41 2.42
C HIS B 149 -2.54 19.19 3.08
N ALA B 150 -3.35 18.17 3.43
CA ALA B 150 -2.86 16.95 4.08
C ALA B 150 -2.06 16.10 3.09
N TYR B 151 -2.52 16.08 1.83
CA TYR B 151 -1.92 15.25 0.79
C TYR B 151 -1.59 16.07 -0.46
N PRO B 152 -0.58 17.02 -0.40
CA PRO B 152 -0.27 17.88 -1.57
C PRO B 152 -0.20 17.22 -2.94
N GLY B 153 -1.02 17.71 -3.86
CA GLY B 153 -1.12 17.26 -5.25
C GLY B 153 -1.78 15.93 -5.49
N GLN B 154 -2.34 15.29 -4.44
CA GLN B 154 -2.96 13.96 -4.53
C GLN B 154 -4.49 13.95 -4.51
N ILE B 155 -5.11 15.03 -4.09
CA ILE B 155 -6.56 15.06 -3.99
C ILE B 155 -7.20 15.60 -5.26
N THR B 156 -8.01 14.76 -5.94
CA THR B 156 -8.73 15.14 -7.18
C THR B 156 -10.15 15.50 -6.79
N GLN B 157 -11.02 15.92 -7.76
CA GLN B 157 -12.41 16.26 -7.49
C GLN B 157 -13.26 14.99 -7.24
N ASN B 158 -12.67 13.82 -7.50
CA ASN B 158 -13.35 12.53 -7.34
C ASN B 158 -13.07 11.91 -5.99
N MET B 159 -12.55 12.74 -5.05
CA MET B 159 -12.12 12.38 -3.71
C MET B 159 -12.64 13.37 -2.70
N LEU B 160 -12.97 12.87 -1.50
CA LEU B 160 -13.47 13.58 -0.32
C LEU B 160 -12.60 13.13 0.87
N CYS B 161 -12.39 13.99 1.90
CA CYS B 161 -11.61 13.67 3.13
C CYS B 161 -12.49 13.68 4.38
N ALA B 162 -12.29 12.72 5.28
CA ALA B 162 -13.03 12.68 6.55
C ALA B 162 -12.18 12.07 7.65
N GLY B 163 -12.31 12.60 8.86
CA GLY B 163 -11.55 12.11 10.01
C GLY B 163 -12.06 12.54 11.36
N ASP B 164 -11.27 12.22 12.38
CA ASP B 164 -11.54 12.49 13.80
C ASP B 164 -10.30 13.05 14.49
N GLU B 165 -10.33 14.36 14.72
CA GLU B 165 -9.25 15.09 15.40
C GLU B 165 -9.03 14.58 16.83
N LYS B 166 -10.14 14.23 17.53
CA LYS B 166 -10.17 13.75 18.92
C LYS B 166 -9.46 12.40 19.16
N TYR B 167 -9.94 11.30 18.56
CA TYR B 167 -9.34 9.98 18.81
C TYR B 167 -8.60 9.33 17.65
N GLY B 168 -8.66 9.90 16.45
CA GLY B 168 -8.04 9.31 15.28
C GLY B 168 -8.87 8.20 14.63
N LYS B 169 -10.21 8.19 14.84
CA LYS B 169 -11.10 7.16 14.23
C LYS B 169 -10.94 7.20 12.73
N ASP B 170 -10.61 6.04 12.15
CA ASP B 170 -10.29 5.95 10.72
C ASP B 170 -10.50 4.55 10.18
N SER B 171 -10.62 4.45 8.86
N SER B 171 -10.59 4.45 8.85
CA SER B 171 -10.74 3.16 8.19
CA SER B 171 -10.72 3.18 8.16
C SER B 171 -9.32 2.55 8.04
C SER B 171 -9.31 2.55 8.06
N CYS B 172 -9.25 1.23 7.81
CA CYS B 172 -7.97 0.53 7.70
C CYS B 172 -8.09 -0.60 6.67
N GLN B 173 -7.01 -1.40 6.47
CA GLN B 173 -7.06 -2.52 5.52
C GLN B 173 -8.20 -3.48 5.87
N GLY B 174 -8.97 -3.86 4.86
CA GLY B 174 -10.15 -4.70 5.03
C GLY B 174 -11.45 -3.91 4.99
N ASP B 175 -11.37 -2.55 5.04
CA ASP B 175 -12.53 -1.64 5.05
C ASP B 175 -12.85 -1.00 3.72
N SER B 176 -11.89 -1.06 2.76
CA SER B 176 -11.93 -0.50 1.41
C SER B 176 -13.22 -0.85 0.73
N GLY B 177 -13.76 0.12 0.01
CA GLY B 177 -15.03 0.00 -0.69
C GLY B 177 -16.21 0.14 0.24
N GLY B 178 -15.95 0.21 1.54
CA GLY B 178 -16.98 0.35 2.57
C GLY B 178 -17.58 1.74 2.56
N PRO B 179 -18.79 1.92 3.12
CA PRO B 179 -19.45 3.25 3.04
C PRO B 179 -19.09 4.33 4.04
N LEU B 180 -19.09 5.60 3.55
CA LEU B 180 -19.01 6.82 4.34
C LEU B 180 -20.45 7.34 4.24
N VAL B 181 -21.17 7.30 5.36
CA VAL B 181 -22.59 7.65 5.43
C VAL B 181 -22.78 9.01 6.07
N CYS B 182 -23.49 9.92 5.39
CA CYS B 182 -23.74 11.27 5.87
C CYS B 182 -25.21 11.61 5.59
N GLY B 183 -25.95 11.97 6.64
CA GLY B 183 -27.37 12.30 6.54
C GLY B 183 -28.21 11.21 5.90
N ASP B 184 -27.92 9.93 6.27
CA ASP B 184 -28.57 8.67 5.84
C ASP B 184 -28.37 8.33 4.35
N HIS B 185 -27.40 9.00 3.73
CA HIS B 185 -27.06 8.78 2.34
C HIS B 185 -25.62 8.35 2.22
N LEU B 186 -25.32 7.60 1.12
CA LEU B 186 -23.98 7.19 0.75
C LEU B 186 -23.23 8.41 0.17
N ARG B 187 -22.29 8.96 0.95
CA ARG B 187 -21.48 10.10 0.50
C ARG B 187 -20.18 9.63 -0.15
N GLY B 188 -19.55 8.60 0.41
CA GLY B 188 -18.30 8.09 -0.15
C GLY B 188 -17.99 6.63 0.09
N LEU B 189 -16.88 6.16 -0.49
CA LEU B 189 -16.40 4.78 -0.33
C LEU B 189 -14.96 4.84 0.17
N VAL B 190 -14.59 3.97 1.10
CA VAL B 190 -13.25 3.89 1.67
C VAL B 190 -12.24 3.67 0.52
N SER B 191 -11.37 4.65 0.24
CA SER B 191 -10.41 4.54 -0.87
C SER B 191 -8.98 4.32 -0.41
N TRP B 192 -8.43 5.28 0.34
CA TRP B 192 -7.04 5.25 0.84
C TRP B 192 -6.91 6.25 1.95
N GLY B 193 -5.72 6.37 2.50
CA GLY B 193 -5.49 7.30 3.60
C GLY B 193 -4.09 7.12 4.11
N ASN B 194 -3.90 7.39 5.39
CA ASN B 194 -2.60 7.37 6.04
C ASN B 194 -2.16 5.98 6.55
N TYR B 195 -0.85 5.85 6.71
CA TYR B 195 -0.22 4.71 7.35
C TYR B 195 0.66 5.30 8.49
N PRO B 196 0.60 4.77 9.74
CA PRO B 196 -0.34 3.73 10.22
C PRO B 196 -1.76 4.29 10.17
N CYS B 197 -2.78 3.41 10.12
CA CYS B 197 -4.18 3.87 10.11
C CYS B 197 -4.46 4.76 11.35
N GLY B 198 -5.23 5.80 11.16
CA GLY B 198 -5.51 6.82 12.17
C GLY B 198 -5.64 8.16 11.48
N SER B 199 -6.74 8.90 11.77
CA SER B 199 -7.05 10.17 11.10
C SER B 199 -6.72 11.49 11.89
N LYS B 200 -5.94 11.42 13.00
CA LYS B 200 -5.55 12.59 13.82
C LYS B 200 -4.73 13.65 13.07
N GLU B 201 -3.76 13.21 12.24
CA GLU B 201 -2.88 14.12 11.48
C GLU B 201 -3.31 14.27 10.02
N LYS B 202 -3.66 13.14 9.36
CA LYS B 202 -4.10 13.12 7.97
C LYS B 202 -5.41 12.37 7.88
N PRO B 203 -6.45 12.97 7.29
CA PRO B 203 -7.75 12.28 7.23
C PRO B 203 -7.77 11.10 6.24
N GLY B 204 -8.77 10.25 6.34
CA GLY B 204 -8.94 9.18 5.39
C GLY B 204 -9.51 9.78 4.12
N VAL B 205 -9.17 9.20 2.97
CA VAL B 205 -9.63 9.64 1.65
C VAL B 205 -10.72 8.67 1.13
N TYR B 206 -11.86 9.25 0.67
CA TYR B 206 -13.05 8.54 0.23
C TYR B 206 -13.43 8.94 -1.20
N THR B 207 -13.81 7.95 -2.04
CA THR B 207 -14.29 8.22 -3.40
C THR B 207 -15.56 9.10 -3.25
N ASN B 208 -15.67 10.17 -4.05
CA ASN B 208 -16.76 11.13 -4.02
C ASN B 208 -17.92 10.62 -4.90
N VAL B 209 -18.76 9.74 -4.31
CA VAL B 209 -19.92 9.02 -4.91
C VAL B 209 -20.85 9.93 -5.74
N CYS B 210 -21.12 11.16 -5.28
CA CYS B 210 -21.99 12.16 -5.94
C CYS B 210 -21.62 12.43 -7.42
N ARG B 211 -20.33 12.20 -7.79
CA ARG B 211 -19.75 12.37 -9.14
C ARG B 211 -20.07 11.21 -10.05
N TYR B 212 -20.55 10.09 -9.48
CA TYR B 212 -20.79 8.87 -10.26
C TYR B 212 -22.25 8.49 -10.44
N THR B 213 -23.18 9.38 -10.06
CA THR B 213 -24.63 9.14 -10.14
C THR B 213 -25.11 8.78 -11.54
N ASN B 214 -24.57 9.44 -12.59
CA ASN B 214 -24.97 9.14 -13.97
C ASN B 214 -24.40 7.83 -14.48
N TRP B 215 -23.10 7.53 -14.17
CA TRP B 215 -22.44 6.28 -14.59
C TRP B 215 -23.20 5.11 -13.96
N ILE B 216 -23.48 5.23 -12.63
CA ILE B 216 -24.23 4.23 -11.86
C ILE B 216 -25.62 4.03 -12.50
N GLN B 217 -26.35 5.13 -12.78
CA GLN B 217 -27.69 5.05 -13.38
C GLN B 217 -27.68 4.31 -14.71
N LYS B 218 -26.79 4.69 -15.62
CA LYS B 218 -26.65 4.08 -16.93
C LYS B 218 -26.36 2.58 -16.87
N THR B 219 -25.41 2.16 -16.02
CA THR B 219 -24.99 0.76 -15.82
C THR B 219 -26.14 -0.10 -15.30
N ILE B 220 -26.82 0.38 -14.25
CA ILE B 220 -27.91 -0.39 -13.65
C ILE B 220 -29.08 -0.55 -14.61
N GLN B 221 -29.51 0.54 -15.28
CA GLN B 221 -30.66 0.56 -16.17
C GLN B 221 -30.47 -0.22 -17.49
N ALA B 222 -29.22 -0.35 -18.01
CA ALA B 222 -28.89 -1.07 -19.26
C ALA B 222 -29.21 -2.57 -19.25
C10 LH8 C . 11.89 -5.13 -7.83
C13 LH8 C . 10.72 -5.48 -9.88
C15 LH8 C . 11.51 -6.62 -10.12
C17 LH8 C . 10.01 -3.55 -8.40
C22 LH8 C . 9.29 -1.21 -8.85
N01 LH8 C . 12.68 -9.34 -9.90
C04 LH8 C . 13.30 -8.24 -9.44
N05 LH8 C . 14.57 -8.31 -9.17
C07 LH8 C . 12.48 -7.02 -9.21
C08 LH8 C . 12.65 -6.26 -8.05
C12 LH8 C . 10.93 -4.71 -8.74
C19 LH8 C . 10.18 -2.35 -9.31
C23 LH8 C . 8.59 -0.42 -9.76
C25 LH8 C . 7.77 0.61 -9.33
C27 LH8 C . 7.65 0.87 -7.98
C29 LH8 C . 8.34 0.09 -7.06
C31 LH8 C . 9.17 -0.97 -7.46
B32 LH8 C . 9.87 -1.93 -6.49
O33 LH8 C . 9.62 -1.92 -5.15
O35 LH8 C . 10.13 -3.19 -7.00
C1 BEN D . -6.83 3.87 4.74
C2 BEN D . -5.53 3.58 4.33
C3 BEN D . -5.29 2.65 3.31
C4 BEN D . -6.37 1.96 2.73
C5 BEN D . -7.66 2.25 3.16
C6 BEN D . -7.90 3.22 4.14
C BEN D . -7.07 4.93 5.83
N1 BEN D . -6.03 5.17 6.82
N2 BEN D . -8.12 5.61 5.90
C1 GOL E . -17.29 -16.74 4.99
O1 GOL E . -16.87 -18.00 4.48
C2 GOL E . -17.88 -16.87 6.38
O2 GOL E . -16.84 -17.23 7.30
C3 GOL E . -18.50 -15.55 6.80
O3 GOL E . -19.20 -15.68 8.04
#